data_8GPE
#
_entry.id   8GPE
#
_cell.length_a   39.170
_cell.length_b   79.160
_cell.length_c   134.120
_cell.angle_alpha   90.000
_cell.angle_beta   90.000
_cell.angle_gamma   90.000
#
_symmetry.space_group_name_H-M   'P 21 21 21'
#
loop_
_entity.id
_entity.type
_entity.pdbx_description
1 polymer 'Metallo beta lactamase NDM-1'
2 non-polymer 'ZINC ION'
3 non-polymer '(2R,4S)-2-{(R)-carboxy[(phenylacetyl)amino]methyl}-5,5-dimethyl-1,3-thiazolidine-4-carboxylic acid'
4 non-polymer 'POTASSIUM ION'
5 water water
#
_entity_poly.entity_id   1
_entity_poly.type   'polypeptide(L)'
_entity_poly.pdbx_seq_one_letter_code
;MELPNIMHPVAKLSTALAAALMLSGCMPGEIRPTIGQQMETGDQRFGDLVFRQLAPNVWQHTSYLDMPGFGAVASNGLIV
RDGGRVLVVDTAWTDDQTAQILNWIKQEINLPVALAVVTHAHQDKMGGMDALHAAGIATYANALSNQLAPQEGMVAAQHS
LTFAANGWVEPATAPNFGPLKVFYPGPGHTSDNITVGIDGTDIAFGGCLIKDSKAKSLGNLGDADTEHYAASARAFGAAF
PKASMIVMSHSAPDSRAAITHTARMADKLR
;
_entity_poly.pdbx_strand_id   A,B
#
loop_
_chem_comp.id
_chem_comp.type
_chem_comp.name
_chem_comp.formula
K non-polymer 'POTASSIUM ION' 'K 1'
PNK non-polymer '(2R,4S)-2-{(R)-carboxy[(phenylacetyl)amino]methyl}-5,5-dimethyl-1,3-thiazolidine-4-carboxylic acid' 'C16 H20 N2 O5 S'
ZN non-polymer 'ZINC ION' 'Zn 2'
#
# COMPACT_ATOMS: atom_id res chain seq x y z
N ILE A 31 -15.07 2.56 1.48
CA ILE A 31 -15.17 3.15 0.15
C ILE A 31 -13.90 3.89 -0.21
N ARG A 32 -12.96 3.99 0.74
CA ARG A 32 -11.71 4.73 0.58
C ARG A 32 -10.55 3.78 0.86
N PRO A 33 -10.13 3.01 -0.14
CA PRO A 33 -9.11 1.98 0.14
C PRO A 33 -7.79 2.59 0.57
N THR A 34 -7.10 1.84 1.44
CA THR A 34 -5.72 2.13 1.77
C THR A 34 -4.80 1.86 0.58
N ILE A 35 -5.07 0.78 -0.17
CA ILE A 35 -4.33 0.41 -1.37
C ILE A 35 -5.33 0.24 -2.50
N GLY A 36 -5.03 0.80 -3.66
CA GLY A 36 -5.93 0.78 -4.81
C GLY A 36 -6.52 2.16 -5.07
N GLN A 37 -7.09 2.31 -6.27
CA GLN A 37 -7.63 3.60 -6.66
C GLN A 37 -8.90 3.94 -5.88
N GLN A 38 -9.11 5.23 -5.69
CA GLN A 38 -10.31 5.75 -5.04
C GLN A 38 -11.45 5.81 -6.06
N MET A 39 -12.66 6.00 -5.55
CA MET A 39 -13.79 6.18 -6.45
C MET A 39 -13.74 7.53 -7.16
N GLU A 40 -14.27 7.56 -8.38
CA GLU A 40 -14.25 8.74 -9.22
C GLU A 40 -15.56 8.82 -9.98
N THR A 41 -15.72 9.91 -10.74
CA THR A 41 -16.88 10.04 -11.61
C THR A 41 -16.86 8.93 -12.65
N GLY A 42 -18.04 8.35 -12.90
CA GLY A 42 -18.16 7.19 -13.76
C GLY A 42 -18.13 5.86 -13.02
N ASP A 43 -18.01 5.87 -11.70
CA ASP A 43 -18.04 4.66 -10.91
C ASP A 43 -19.46 4.42 -10.39
N GLN A 44 -19.91 3.17 -10.49
CA GLN A 44 -21.20 2.75 -9.98
C GLN A 44 -20.98 1.85 -8.77
N ARG A 45 -21.52 2.23 -7.64
CA ARG A 45 -21.47 1.37 -6.46
C ARG A 45 -22.63 0.38 -6.53
N PHE A 46 -22.35 -0.90 -6.30
CA PHE A 46 -23.36 -1.95 -6.28
C PHE A 46 -22.98 -2.87 -5.13
N GLY A 47 -23.77 -2.86 -4.08
CA GLY A 47 -23.41 -3.63 -2.90
C GLY A 47 -22.07 -3.17 -2.37
N ASP A 48 -21.15 -4.10 -2.18
CA ASP A 48 -19.82 -3.77 -1.67
C ASP A 48 -18.80 -3.58 -2.78
N LEU A 49 -19.25 -3.51 -4.03
CA LEU A 49 -18.36 -3.47 -5.18
C LEU A 49 -18.55 -2.17 -5.94
N VAL A 50 -17.63 -1.91 -6.86
CA VAL A 50 -17.68 -0.75 -7.73
C VAL A 50 -17.46 -1.23 -9.17
N PHE A 51 -18.23 -0.66 -10.09
CA PHE A 51 -18.12 -1.01 -11.51
C PHE A 51 -17.91 0.25 -12.32
N ARG A 52 -17.08 0.16 -13.36
CA ARG A 52 -16.81 1.28 -14.24
CA ARG A 52 -16.79 1.28 -14.24
C ARG A 52 -16.82 0.80 -15.68
N GLN A 53 -17.59 1.46 -16.53
CA GLN A 53 -17.61 1.08 -17.94
C GLN A 53 -16.40 1.67 -18.64
N LEU A 54 -15.60 0.80 -19.29
CA LEU A 54 -14.39 1.22 -19.99
C LEU A 54 -14.58 1.34 -21.50
N ALA A 55 -15.53 0.60 -22.05
CA ALA A 55 -15.81 0.58 -23.49
C ALA A 55 -17.23 0.09 -23.65
N PRO A 56 -17.80 0.18 -24.86
CA PRO A 56 -19.22 -0.22 -25.01
C PRO A 56 -19.52 -1.61 -24.46
N ASN A 57 -18.56 -2.53 -24.52
CA ASN A 57 -18.80 -3.90 -24.08
C ASN A 57 -17.83 -4.36 -23.00
N VAL A 58 -17.17 -3.45 -22.27
CA VAL A 58 -16.17 -3.82 -21.28
C VAL A 58 -16.35 -2.96 -20.04
N TRP A 59 -16.34 -3.61 -18.88
CA TRP A 59 -16.43 -2.94 -17.58
C TRP A 59 -15.32 -3.48 -16.68
N GLN A 60 -14.88 -2.65 -15.75
CA GLN A 60 -13.96 -3.06 -14.71
C GLN A 60 -14.75 -3.29 -13.42
N HIS A 61 -14.53 -4.45 -12.79
CA HIS A 61 -15.09 -4.74 -11.47
C HIS A 61 -14.04 -4.47 -10.41
N THR A 62 -14.47 -3.91 -9.27
CA THR A 62 -13.57 -3.64 -8.16
C THR A 62 -14.18 -4.15 -6.87
N SER A 63 -13.38 -4.90 -6.10
CA SER A 63 -13.80 -5.42 -4.81
C SER A 63 -12.73 -5.08 -3.79
N TYR A 64 -13.09 -5.15 -2.51
CA TYR A 64 -12.26 -4.63 -1.44
C TYR A 64 -12.11 -5.63 -0.32
N LEU A 65 -10.89 -5.81 0.15
CA LEU A 65 -10.64 -6.69 1.28
C LEU A 65 -10.12 -5.85 2.42
N ASP A 66 -10.82 -5.92 3.56
CA ASP A 66 -10.46 -5.13 4.73
C ASP A 66 -9.39 -5.86 5.51
N MET A 67 -8.21 -5.25 5.61
CA MET A 67 -7.12 -5.78 6.41
C MET A 67 -7.22 -5.25 7.82
N PRO A 68 -7.38 -6.11 8.83
CA PRO A 68 -7.43 -5.61 10.21
C PRO A 68 -6.21 -4.77 10.54
N GLY A 69 -6.45 -3.56 11.02
CA GLY A 69 -5.39 -2.64 11.40
C GLY A 69 -4.76 -1.88 10.26
N PHE A 70 -5.28 -2.00 9.04
CA PHE A 70 -4.61 -1.46 7.86
C PHE A 70 -5.62 -0.79 6.94
N GLY A 71 -6.82 -1.35 6.83
CA GLY A 71 -7.83 -0.82 5.95
C GLY A 71 -8.04 -1.67 4.71
N ALA A 72 -8.75 -1.09 3.75
CA ALA A 72 -9.23 -1.82 2.59
C ALA A 72 -8.21 -1.83 1.44
N VAL A 73 -8.10 -2.98 0.77
CA VAL A 73 -7.30 -3.14 -0.43
C VAL A 73 -8.25 -3.41 -1.59
N ALA A 74 -8.19 -2.56 -2.62
CA ALA A 74 -9.02 -2.75 -3.81
C ALA A 74 -8.32 -3.66 -4.80
N SER A 75 -9.11 -4.47 -5.50
CA SER A 75 -8.62 -5.29 -6.61
C SER A 75 -9.59 -5.21 -7.78
N ASN A 76 -9.03 -5.10 -8.98
CA ASN A 76 -9.80 -4.92 -10.21
C ASN A 76 -9.72 -6.13 -11.12
N GLY A 77 -10.85 -6.43 -11.77
CA GLY A 77 -10.90 -7.39 -12.88
C GLY A 77 -11.76 -6.84 -14.00
N LEU A 78 -12.13 -7.68 -14.98
CA LEU A 78 -12.88 -7.20 -16.13
C LEU A 78 -14.12 -8.05 -16.36
N ILE A 79 -15.09 -7.42 -17.02
CA ILE A 79 -16.33 -8.04 -17.50
C ILE A 79 -16.47 -7.66 -18.96
N VAL A 80 -16.62 -8.65 -19.83
CA VAL A 80 -16.69 -8.41 -21.27
C VAL A 80 -17.97 -9.02 -21.82
N ARG A 81 -18.73 -8.24 -22.59
CA ARG A 81 -19.88 -8.75 -23.32
C ARG A 81 -19.46 -9.05 -24.75
N ASP A 82 -19.64 -10.30 -25.20
CA ASP A 82 -19.31 -10.73 -26.55
C ASP A 82 -20.35 -11.74 -27.03
N GLY A 83 -20.94 -11.51 -28.20
CA GLY A 83 -21.74 -12.56 -28.80
C GLY A 83 -22.80 -13.16 -27.90
N GLY A 84 -23.58 -12.32 -27.20
CA GLY A 84 -24.67 -12.76 -26.37
C GLY A 84 -24.28 -13.35 -25.04
N ARG A 85 -23.00 -13.30 -24.68
CA ARG A 85 -22.58 -13.85 -23.41
C ARG A 85 -21.61 -12.90 -22.73
N VAL A 86 -21.35 -13.20 -21.48
CA VAL A 86 -20.41 -12.41 -20.68
C VAL A 86 -19.22 -13.28 -20.32
N LEU A 87 -18.04 -12.69 -20.40
CA LEU A 87 -16.79 -13.34 -20.04
C LEU A 87 -16.18 -12.51 -18.91
N VAL A 88 -15.74 -13.19 -17.87
CA VAL A 88 -15.18 -12.53 -16.69
C VAL A 88 -13.68 -12.78 -16.65
N VAL A 89 -12.92 -11.72 -16.33
CA VAL A 89 -11.50 -11.85 -16.04
C VAL A 89 -11.30 -11.53 -14.56
N ASP A 90 -10.86 -12.55 -13.83
CA ASP A 90 -10.54 -12.54 -12.39
C ASP A 90 -11.78 -12.57 -11.52
N THR A 91 -11.71 -13.26 -10.38
CA THR A 91 -12.76 -13.18 -9.39
C THR A 91 -12.54 -11.95 -8.51
N ALA A 92 -13.43 -11.78 -7.54
CA ALA A 92 -13.21 -10.83 -6.46
C ALA A 92 -12.42 -11.55 -5.36
N TRP A 93 -12.20 -10.87 -4.23
CA TRP A 93 -11.41 -11.49 -3.15
C TRP A 93 -12.11 -12.69 -2.52
N THR A 94 -13.45 -12.71 -2.52
CA THR A 94 -14.19 -13.74 -1.81
C THR A 94 -15.32 -14.27 -2.67
N ASP A 95 -15.87 -15.42 -2.23
CA ASP A 95 -17.03 -16.00 -2.90
C ASP A 95 -18.22 -15.06 -2.85
N ASP A 96 -18.48 -14.47 -1.68
CA ASP A 96 -19.63 -13.57 -1.60
C ASP A 96 -19.49 -12.37 -2.54
N GLN A 97 -18.29 -11.78 -2.60
CA GLN A 97 -18.10 -10.65 -3.51
C GLN A 97 -18.25 -11.09 -4.95
N THR A 98 -17.79 -12.29 -5.27
CA THR A 98 -17.91 -12.79 -6.64
C THR A 98 -19.37 -13.07 -6.99
N ALA A 99 -20.16 -13.57 -6.03
CA ALA A 99 -21.60 -13.70 -6.27
C ALA A 99 -22.22 -12.33 -6.55
N GLN A 100 -21.74 -11.29 -5.86
CA GLN A 100 -22.25 -9.95 -6.13
C GLN A 100 -21.89 -9.48 -7.54
N ILE A 101 -20.70 -9.83 -8.02
CA ILE A 101 -20.39 -9.53 -9.42
C ILE A 101 -21.41 -10.17 -10.33
N LEU A 102 -21.72 -11.44 -10.08
CA LEU A 102 -22.69 -12.13 -10.94
C LEU A 102 -24.07 -11.50 -10.83
N ASN A 103 -24.44 -11.01 -9.66
CA ASN A 103 -25.72 -10.31 -9.52
C ASN A 103 -25.73 -8.97 -10.26
N TRP A 104 -24.62 -8.24 -10.23
CA TRP A 104 -24.53 -7.02 -11.01
C TRP A 104 -24.68 -7.32 -12.49
N ILE A 105 -23.99 -8.36 -12.97
CA ILE A 105 -24.12 -8.74 -14.37
C ILE A 105 -25.58 -9.01 -14.72
N LYS A 106 -26.26 -9.78 -13.87
CA LYS A 106 -27.67 -10.08 -14.09
CA LYS A 106 -27.67 -10.08 -14.12
C LYS A 106 -28.51 -8.81 -14.22
N GLN A 107 -28.26 -7.83 -13.35
CA GLN A 107 -29.10 -6.64 -13.35
C GLN A 107 -28.76 -5.70 -14.50
N GLU A 108 -27.46 -5.54 -14.82
CA GLU A 108 -27.05 -4.52 -15.76
C GLU A 108 -26.91 -5.01 -17.19
N ILE A 109 -26.57 -6.29 -17.37
CA ILE A 109 -26.32 -6.87 -18.68
C ILE A 109 -27.34 -7.93 -19.02
N ASN A 110 -27.69 -8.79 -18.05
CA ASN A 110 -28.74 -9.78 -18.22
C ASN A 110 -28.45 -10.69 -19.42
N LEU A 111 -27.27 -11.29 -19.42
CA LEU A 111 -26.84 -12.31 -20.37
C LEU A 111 -26.09 -13.38 -19.61
N PRO A 112 -26.07 -14.61 -20.14
CA PRO A 112 -25.38 -15.70 -19.43
C PRO A 112 -23.87 -15.46 -19.37
N VAL A 113 -23.27 -15.85 -18.26
CA VAL A 113 -21.82 -15.75 -18.08
C VAL A 113 -21.22 -17.07 -18.54
N ALA A 114 -20.54 -17.05 -19.69
CA ALA A 114 -20.08 -18.28 -20.31
C ALA A 114 -18.84 -18.84 -19.64
N LEU A 115 -17.93 -17.97 -19.22
CA LEU A 115 -16.64 -18.46 -18.74
C LEU A 115 -15.96 -17.35 -17.99
N ALA A 116 -15.00 -17.75 -17.18
CA ALA A 116 -14.08 -16.83 -16.51
C ALA A 116 -12.66 -17.32 -16.71
N VAL A 117 -11.74 -16.37 -16.87
CA VAL A 117 -10.31 -16.62 -16.88
CA VAL A 117 -10.31 -16.62 -16.88
C VAL A 117 -9.72 -15.89 -15.68
N VAL A 118 -8.88 -16.58 -14.92
CA VAL A 118 -8.29 -16.01 -13.72
C VAL A 118 -6.78 -15.94 -13.92
N THR A 119 -6.17 -14.84 -13.48
CA THR A 119 -4.87 -14.49 -14.01
C THR A 119 -3.67 -14.93 -13.16
N HIS A 120 -3.88 -15.44 -11.94
CA HIS A 120 -2.90 -16.24 -11.22
C HIS A 120 -3.49 -16.66 -9.89
N ALA A 121 -2.78 -17.57 -9.22
CA ALA A 121 -3.28 -18.22 -8.01
C ALA A 121 -2.91 -17.41 -6.76
N HIS A 122 -3.63 -16.30 -6.58
CA HIS A 122 -3.62 -15.51 -5.35
C HIS A 122 -5.06 -15.05 -5.08
N GLN A 123 -5.32 -14.67 -3.83
CA GLN A 123 -6.71 -14.43 -3.39
C GLN A 123 -7.39 -13.32 -4.17
N ASP A 124 -6.67 -12.23 -4.47
CA ASP A 124 -7.33 -11.14 -5.20
C ASP A 124 -7.84 -11.56 -6.56
N LYS A 125 -7.25 -12.59 -7.18
CA LYS A 125 -7.65 -13.01 -8.52
C LYS A 125 -8.47 -14.29 -8.55
N MET A 126 -8.33 -15.13 -7.53
CA MET A 126 -8.94 -16.46 -7.47
C MET A 126 -9.73 -16.75 -6.21
N GLY A 127 -9.93 -15.76 -5.32
CA GLY A 127 -10.60 -16.03 -4.07
C GLY A 127 -12.04 -16.48 -4.21
N GLY A 128 -12.68 -16.20 -5.35
CA GLY A 128 -14.09 -16.51 -5.51
C GLY A 128 -14.44 -17.64 -6.46
N MET A 129 -13.49 -18.54 -6.72
CA MET A 129 -13.74 -19.67 -7.62
C MET A 129 -14.99 -20.46 -7.28
N ASP A 130 -15.23 -20.76 -6.00
CA ASP A 130 -16.39 -21.58 -5.64
C ASP A 130 -17.69 -20.94 -6.10
N ALA A 131 -17.79 -19.61 -6.03
CA ALA A 131 -19.00 -18.93 -6.45
C ALA A 131 -19.22 -19.05 -7.95
N LEU A 132 -18.15 -18.97 -8.74
CA LEU A 132 -18.29 -19.18 -10.18
C LEU A 132 -18.74 -20.62 -10.46
N HIS A 133 -18.11 -21.58 -9.79
CA HIS A 133 -18.46 -22.99 -10.02
C HIS A 133 -19.89 -23.28 -9.66
N ALA A 134 -20.38 -22.73 -8.53
CA ALA A 134 -21.74 -22.99 -8.10
C ALA A 134 -22.75 -22.40 -9.08
N ALA A 135 -22.37 -21.34 -9.79
CA ALA A 135 -23.22 -20.71 -10.78
C ALA A 135 -23.17 -21.39 -12.13
N GLY A 136 -22.40 -22.47 -12.26
CA GLY A 136 -22.33 -23.16 -13.54
C GLY A 136 -21.40 -22.55 -14.55
N ILE A 137 -20.48 -21.69 -14.13
CA ILE A 137 -19.59 -20.99 -15.05
C ILE A 137 -18.32 -21.79 -15.24
N ALA A 138 -17.93 -22.00 -16.48
CA ALA A 138 -16.69 -22.72 -16.79
C ALA A 138 -15.48 -21.83 -16.50
N THR A 139 -14.48 -22.38 -15.82
CA THR A 139 -13.34 -21.57 -15.40
C THR A 139 -12.04 -22.07 -16.00
N TYR A 140 -11.17 -21.12 -16.32
CA TYR A 140 -9.90 -21.36 -16.98
C TYR A 140 -8.78 -20.63 -16.25
N ALA A 141 -7.64 -21.29 -16.15
CA ALA A 141 -6.45 -20.67 -15.58
C ALA A 141 -5.24 -21.35 -16.19
N ASN A 142 -4.10 -20.66 -16.17
CA ASN A 142 -2.83 -21.31 -16.48
C ASN A 142 -2.73 -22.64 -15.73
N ALA A 143 -2.28 -23.70 -16.44
CA ALA A 143 -2.06 -24.98 -15.76
C ALA A 143 -1.24 -24.79 -14.50
N LEU A 144 -0.20 -23.96 -14.56
CA LEU A 144 0.63 -23.74 -13.37
C LEU A 144 -0.16 -23.09 -12.25
N SER A 145 -1.10 -22.19 -12.58
CA SER A 145 -1.98 -21.63 -11.55
C SER A 145 -2.80 -22.71 -10.89
N ASN A 146 -3.34 -23.63 -11.68
CA ASN A 146 -4.11 -24.73 -11.10
C ASN A 146 -3.25 -25.63 -10.24
N GLN A 147 -1.99 -25.86 -10.64
CA GLN A 147 -1.09 -26.69 -9.84
C GLN A 147 -0.71 -26.00 -8.53
N LEU A 148 -0.50 -24.68 -8.57
CA LEU A 148 -0.17 -23.92 -7.37
C LEU A 148 -1.37 -23.62 -6.50
N ALA A 149 -2.58 -23.69 -7.07
CA ALA A 149 -3.77 -23.22 -6.36
C ALA A 149 -3.91 -23.74 -4.93
N PRO A 150 -3.90 -25.06 -4.70
CA PRO A 150 -4.06 -25.55 -3.32
C PRO A 150 -2.99 -25.01 -2.38
N GLN A 151 -1.73 -24.96 -2.85
CA GLN A 151 -0.66 -24.44 -2.01
C GLN A 151 -0.86 -22.97 -1.69
N GLU A 152 -1.57 -22.25 -2.54
CA GLU A 152 -1.87 -20.83 -2.35
C GLU A 152 -3.23 -20.60 -1.69
N GLY A 153 -3.91 -21.66 -1.24
CA GLY A 153 -5.19 -21.47 -0.58
C GLY A 153 -6.36 -21.27 -1.52
N MET A 154 -6.20 -21.55 -2.81
CA MET A 154 -7.21 -21.29 -3.83
C MET A 154 -7.80 -22.60 -4.34
N VAL A 155 -9.03 -22.52 -4.80
CA VAL A 155 -9.64 -23.60 -5.55
C VAL A 155 -9.18 -23.51 -7.01
N ALA A 156 -8.73 -24.62 -7.56
CA ALA A 156 -8.29 -24.63 -8.96
C ALA A 156 -9.45 -24.35 -9.92
N ALA A 157 -9.11 -23.75 -11.07
CA ALA A 157 -10.07 -23.67 -12.16
C ALA A 157 -10.36 -25.08 -12.71
N GLN A 158 -11.47 -25.19 -13.44
CA GLN A 158 -11.88 -26.49 -13.97
C GLN A 158 -11.02 -26.91 -15.15
N HIS A 159 -10.45 -25.95 -15.86
CA HIS A 159 -9.73 -26.19 -17.10
C HIS A 159 -8.40 -25.47 -17.04
N SER A 160 -7.39 -26.08 -17.66
CA SER A 160 -6.04 -25.53 -17.69
C SER A 160 -5.71 -25.00 -19.08
N LEU A 161 -5.21 -23.77 -19.10
CA LEU A 161 -4.61 -23.17 -20.29
C LEU A 161 -3.14 -23.52 -20.34
N THR A 162 -2.65 -23.84 -21.54
CA THR A 162 -1.22 -23.98 -21.74
C THR A 162 -0.76 -23.00 -22.81
N PHE A 163 0.55 -22.81 -22.88
CA PHE A 163 1.13 -21.71 -23.64
C PHE A 163 2.28 -22.19 -24.51
N ALA A 164 2.39 -21.59 -25.69
CA ALA A 164 3.55 -21.75 -26.54
C ALA A 164 4.77 -21.07 -25.90
N ALA A 165 5.95 -21.42 -26.42
CA ALA A 165 7.19 -20.78 -25.98
C ALA A 165 7.18 -19.27 -26.20
N ASN A 166 6.40 -18.79 -27.17
CA ASN A 166 6.31 -17.35 -27.41
C ASN A 166 5.28 -16.67 -26.49
N GLY A 167 4.62 -17.42 -25.60
CA GLY A 167 3.71 -16.85 -24.64
C GLY A 167 2.24 -16.94 -24.99
N TRP A 168 1.90 -17.17 -26.26
CA TRP A 168 0.50 -17.16 -26.63
C TRP A 168 -0.19 -18.46 -26.23
N VAL A 169 -1.46 -18.35 -25.81
CA VAL A 169 -2.21 -19.53 -25.39
C VAL A 169 -2.32 -20.54 -26.54
N GLU A 170 -2.20 -21.81 -26.20
CA GLU A 170 -2.45 -22.86 -27.17
C GLU A 170 -3.94 -22.89 -27.49
N PRO A 171 -4.33 -22.68 -28.74
CA PRO A 171 -5.74 -22.36 -29.03
C PRO A 171 -6.73 -23.43 -28.61
N ALA A 172 -6.38 -24.70 -28.72
CA ALA A 172 -7.33 -25.74 -28.33
C ALA A 172 -7.61 -25.75 -26.84
N THR A 173 -6.76 -25.12 -26.01
CA THR A 173 -7.02 -25.04 -24.58
C THR A 173 -7.92 -23.86 -24.19
N ALA A 174 -8.21 -22.97 -25.14
CA ALA A 174 -9.02 -21.77 -24.88
C ALA A 174 -10.13 -21.68 -25.91
N PRO A 175 -11.04 -22.66 -25.95
CA PRO A 175 -12.10 -22.62 -26.97
C PRO A 175 -13.17 -21.59 -26.65
N ASN A 176 -13.73 -21.01 -27.71
CA ASN A 176 -14.84 -20.05 -27.60
C ASN A 176 -14.50 -18.87 -26.70
N PHE A 177 -13.30 -18.31 -26.86
CA PHE A 177 -12.86 -17.20 -26.04
C PHE A 177 -13.24 -15.83 -26.63
N GLY A 178 -13.96 -15.78 -27.75
CA GLY A 178 -14.44 -14.52 -28.25
C GLY A 178 -13.29 -13.59 -28.55
N PRO A 179 -13.36 -12.36 -28.05
CA PRO A 179 -12.29 -11.38 -28.31
C PRO A 179 -11.12 -11.48 -27.34
N LEU A 180 -11.16 -12.38 -26.36
CA LEU A 180 -10.08 -12.44 -25.37
C LEU A 180 -8.84 -13.07 -26.00
N LYS A 181 -7.70 -12.40 -25.83
CA LYS A 181 -6.41 -12.87 -26.31
C LYS A 181 -5.52 -13.08 -25.09
N VAL A 182 -5.25 -14.34 -24.74
CA VAL A 182 -4.59 -14.68 -23.49
C VAL A 182 -3.11 -14.91 -23.74
N PHE A 183 -2.28 -14.24 -22.94
CA PHE A 183 -0.83 -14.22 -23.17
C PHE A 183 -0.12 -14.46 -21.84
N TYR A 184 0.81 -15.42 -21.83
CA TYR A 184 1.65 -15.64 -20.66
C TYR A 184 2.98 -14.92 -20.90
N PRO A 185 3.28 -13.85 -20.17
CA PRO A 185 4.45 -13.03 -20.50
C PRO A 185 5.76 -13.54 -19.92
N GLY A 186 5.72 -14.58 -19.10
CA GLY A 186 6.88 -15.03 -18.36
C GLY A 186 6.72 -14.70 -16.89
N PRO A 187 7.60 -15.26 -16.06
CA PRO A 187 7.50 -15.02 -14.61
C PRO A 187 7.77 -13.57 -14.26
N GLY A 188 7.02 -13.06 -13.29
CA GLY A 188 7.18 -11.68 -12.87
C GLY A 188 6.63 -11.50 -11.48
N HIS A 189 5.40 -10.99 -11.38
CA HIS A 189 4.75 -10.92 -10.08
C HIS A 189 4.65 -12.31 -9.44
N THR A 190 4.29 -13.32 -10.23
CA THR A 190 4.41 -14.72 -9.84
C THR A 190 4.92 -15.48 -11.06
N SER A 191 5.19 -16.77 -10.87
CA SER A 191 5.64 -17.58 -12.00
CA SER A 191 5.64 -17.58 -12.00
C SER A 191 4.49 -17.92 -12.94
N ASP A 192 3.25 -17.83 -12.47
CA ASP A 192 2.10 -18.28 -13.23
C ASP A 192 1.30 -17.13 -13.84
N ASN A 193 1.65 -15.87 -13.57
CA ASN A 193 0.83 -14.75 -14.00
C ASN A 193 0.55 -14.73 -15.51
N ILE A 194 -0.71 -14.54 -15.88
CA ILE A 194 -1.10 -14.38 -17.28
C ILE A 194 -1.80 -13.03 -17.47
N THR A 195 -1.96 -12.65 -18.75
CA THR A 195 -2.49 -11.34 -19.13
C THR A 195 -3.49 -11.54 -20.25
N VAL A 196 -4.33 -10.53 -20.49
CA VAL A 196 -5.46 -10.68 -21.41
C VAL A 196 -5.67 -9.38 -22.17
N GLY A 197 -5.68 -9.46 -23.49
CA GLY A 197 -6.08 -8.34 -24.34
C GLY A 197 -7.49 -8.56 -24.87
N ILE A 198 -8.17 -7.47 -25.19
CA ILE A 198 -9.52 -7.57 -25.76
C ILE A 198 -9.47 -7.10 -27.20
N ASP A 199 -9.52 -8.05 -28.14
CA ASP A 199 -9.42 -7.70 -29.55
C ASP A 199 -10.57 -6.77 -29.92
N GLY A 200 -10.29 -5.81 -30.80
CA GLY A 200 -11.30 -4.86 -31.21
C GLY A 200 -11.51 -3.69 -30.26
N THR A 201 -10.73 -3.60 -29.19
CA THR A 201 -10.77 -2.50 -28.24
C THR A 201 -9.36 -1.94 -28.08
N ASP A 202 -9.28 -0.90 -27.27
CA ASP A 202 -8.01 -0.30 -26.87
C ASP A 202 -7.46 -0.87 -25.57
N ILE A 203 -8.00 -1.97 -25.07
CA ILE A 203 -7.76 -2.42 -23.70
C ILE A 203 -6.86 -3.65 -23.65
N ALA A 204 -5.88 -3.62 -22.73
CA ALA A 204 -5.17 -4.83 -22.31
C ALA A 204 -5.06 -4.86 -20.81
N PHE A 205 -5.14 -6.06 -20.23
CA PHE A 205 -5.19 -6.27 -18.79
C PHE A 205 -3.91 -6.96 -18.31
N GLY A 206 -3.14 -6.26 -17.48
CA GLY A 206 -1.91 -6.77 -16.92
C GLY A 206 -2.04 -7.45 -15.59
N GLY A 207 -3.21 -7.42 -14.96
CA GLY A 207 -3.36 -8.01 -13.64
C GLY A 207 -2.39 -7.41 -12.64
N CYS A 208 -1.82 -8.26 -11.77
CA CYS A 208 -0.89 -7.76 -10.76
C CYS A 208 0.52 -7.58 -11.29
N LEU A 209 0.79 -7.99 -12.53
CA LEU A 209 2.13 -7.81 -13.08
C LEU A 209 2.46 -6.35 -13.31
N ILE A 210 1.50 -5.57 -13.81
CA ILE A 210 1.71 -4.18 -14.20
C ILE A 210 1.24 -3.26 -13.09
N LYS A 211 2.08 -2.30 -12.72
CA LYS A 211 1.72 -1.26 -11.76
C LYS A 211 1.62 0.07 -12.50
N ASP A 212 0.98 1.05 -11.87
CA ASP A 212 0.71 2.25 -12.65
C ASP A 212 1.95 3.12 -12.79
N SER A 213 1.84 4.10 -13.70
CA SER A 213 3.00 4.88 -14.10
C SER A 213 3.55 5.76 -12.99
N LYS A 214 2.81 5.94 -11.90
CA LYS A 214 3.28 6.71 -10.76
C LYS A 214 3.56 5.86 -9.53
N ALA A 215 3.55 4.54 -9.69
CA ALA A 215 3.72 3.64 -8.56
C ALA A 215 5.13 3.77 -7.98
N LYS A 216 5.23 3.60 -6.65
CA LYS A 216 6.50 3.64 -5.96
C LYS A 216 7.13 2.26 -5.76
N SER A 217 6.34 1.19 -5.88
CA SER A 217 6.88 -0.15 -5.71
C SER A 217 6.16 -1.09 -6.66
N LEU A 218 6.70 -2.29 -6.77
CA LEU A 218 6.09 -3.36 -7.53
C LEU A 218 5.11 -4.20 -6.71
N GLY A 219 4.71 -3.74 -5.52
CA GLY A 219 3.75 -4.49 -4.72
C GLY A 219 4.40 -5.66 -4.00
N ASN A 220 3.63 -6.74 -3.84
CA ASN A 220 4.11 -7.90 -3.08
C ASN A 220 5.04 -8.67 -3.99
N LEU A 221 6.33 -8.68 -3.67
CA LEU A 221 7.32 -9.45 -4.41
C LEU A 221 7.63 -10.80 -3.76
N GLY A 222 6.84 -11.21 -2.78
CA GLY A 222 7.15 -12.42 -2.02
C GLY A 222 7.16 -13.67 -2.88
N ASP A 223 6.35 -13.71 -3.94
CA ASP A 223 6.29 -14.86 -4.84
C ASP A 223 6.87 -14.52 -6.22
N ALA A 224 7.58 -13.41 -6.33
CA ALA A 224 7.98 -12.85 -7.61
C ALA A 224 9.31 -13.42 -8.10
N ASP A 225 9.54 -13.26 -9.39
CA ASP A 225 10.78 -13.62 -10.06
C ASP A 225 11.47 -12.31 -10.40
N THR A 226 12.41 -11.89 -9.54
CA THR A 226 13.02 -10.58 -9.73
C THR A 226 14.00 -10.57 -10.92
N GLU A 227 14.55 -11.72 -11.32
CA GLU A 227 15.45 -11.74 -12.46
C GLU A 227 14.71 -11.50 -13.77
N HIS A 228 13.53 -12.10 -13.91
CA HIS A 228 12.82 -12.10 -15.19
C HIS A 228 11.68 -11.09 -15.26
N TYR A 229 11.39 -10.39 -14.15
CA TYR A 229 10.23 -9.50 -14.11
C TYR A 229 10.26 -8.46 -15.23
N ALA A 230 11.40 -7.79 -15.42
CA ALA A 230 11.45 -6.71 -16.41
C ALA A 230 11.13 -7.22 -17.81
N ALA A 231 11.72 -8.35 -18.19
CA ALA A 231 11.46 -8.91 -19.51
C ALA A 231 10.00 -9.31 -19.66
N SER A 232 9.40 -9.81 -18.58
CA SER A 232 8.01 -10.20 -18.66
C SER A 232 7.09 -9.00 -18.85
N ALA A 233 7.36 -7.91 -18.12
CA ALA A 233 6.59 -6.67 -18.33
C ALA A 233 6.74 -6.19 -19.78
N ARG A 234 7.97 -6.20 -20.32
CA ARG A 234 8.16 -5.77 -21.70
C ARG A 234 7.48 -6.72 -22.69
N ALA A 235 7.47 -8.03 -22.38
CA ALA A 235 6.81 -8.99 -23.26
C ALA A 235 5.31 -8.73 -23.32
N PHE A 236 4.69 -8.41 -22.19
CA PHE A 236 3.28 -8.01 -22.18
C PHE A 236 3.05 -6.81 -23.11
N GLY A 237 3.90 -5.79 -23.01
CA GLY A 237 3.73 -4.64 -23.89
C GLY A 237 3.84 -5.01 -25.36
N ALA A 238 4.79 -5.89 -25.70
CA ALA A 238 5.00 -6.27 -27.09
C ALA A 238 3.93 -7.23 -27.60
N ALA A 239 3.28 -7.98 -26.71
CA ALA A 239 2.19 -8.85 -27.12
C ALA A 239 0.94 -8.04 -27.45
N PHE A 240 0.77 -6.91 -26.78
CA PHE A 240 -0.39 -6.04 -26.98
C PHE A 240 0.07 -4.65 -27.40
N PRO A 241 0.69 -4.54 -28.58
CA PRO A 241 1.35 -3.27 -28.95
C PRO A 241 0.38 -2.14 -29.17
N LYS A 242 -0.86 -2.44 -29.55
CA LYS A 242 -1.81 -1.39 -29.90
C LYS A 242 -2.55 -0.81 -28.70
N ALA A 243 -2.69 -1.57 -27.63
CA ALA A 243 -3.53 -1.15 -26.52
C ALA A 243 -3.05 0.17 -25.90
N SER A 244 -3.98 1.11 -25.71
CA SER A 244 -3.65 2.37 -25.07
C SER A 244 -4.23 2.51 -23.67
N MET A 245 -5.18 1.67 -23.32
CA MET A 245 -5.77 1.58 -21.99
C MET A 245 -5.22 0.33 -21.31
N ILE A 246 -4.34 0.52 -20.34
CA ILE A 246 -3.74 -0.60 -19.61
C ILE A 246 -4.46 -0.73 -18.27
N VAL A 247 -5.18 -1.82 -18.11
CA VAL A 247 -5.97 -2.09 -16.92
C VAL A 247 -5.12 -2.99 -16.01
N MET A 248 -5.24 -2.80 -14.70
CA MET A 248 -4.35 -3.45 -13.76
C MET A 248 -5.09 -3.69 -12.45
N SER A 249 -4.54 -4.55 -11.61
CA SER A 249 -5.27 -5.01 -10.44
C SER A 249 -5.51 -3.93 -9.39
N HIS A 250 -4.58 -2.98 -9.21
CA HIS A 250 -4.66 -2.12 -8.02
C HIS A 250 -4.54 -0.64 -8.32
N SER A 251 -4.78 -0.23 -9.56
CA SER A 251 -4.77 1.17 -9.92
C SER A 251 -5.83 1.35 -10.98
N ALA A 252 -6.25 2.60 -11.20
CA ALA A 252 -7.16 2.91 -12.28
C ALA A 252 -6.46 2.67 -13.62
N PRO A 253 -7.23 2.47 -14.69
CA PRO A 253 -6.60 2.24 -15.99
C PRO A 253 -5.66 3.39 -16.34
N ASP A 254 -4.54 3.04 -16.96
CA ASP A 254 -3.46 3.98 -17.22
C ASP A 254 -3.06 3.91 -18.70
N SER A 255 -2.11 4.76 -19.08
CA SER A 255 -1.53 4.73 -20.42
C SER A 255 -0.43 3.67 -20.47
N ARG A 256 0.17 3.51 -21.65
CA ARG A 256 1.28 2.58 -21.78
C ARG A 256 2.48 2.96 -20.91
N ALA A 257 2.52 4.19 -20.39
CA ALA A 257 3.59 4.52 -19.44
C ALA A 257 3.60 3.58 -18.23
N ALA A 258 2.48 2.95 -17.90
CA ALA A 258 2.48 1.97 -16.82
C ALA A 258 3.40 0.80 -17.16
N ILE A 259 3.42 0.38 -18.42
CA ILE A 259 4.26 -0.75 -18.82
C ILE A 259 5.72 -0.37 -18.71
N THR A 260 6.08 0.77 -19.30
CA THR A 260 7.48 1.19 -19.28
CA THR A 260 7.47 1.23 -19.28
C THR A 260 7.95 1.46 -17.86
N HIS A 261 7.10 2.07 -17.03
CA HIS A 261 7.50 2.34 -15.65
C HIS A 261 7.67 1.04 -14.87
N THR A 262 6.73 0.11 -15.03
CA THR A 262 6.87 -1.19 -14.38
C THR A 262 8.19 -1.84 -14.78
N ALA A 263 8.50 -1.85 -16.09
CA ALA A 263 9.73 -2.50 -16.56
C ALA A 263 10.97 -1.81 -15.99
N ARG A 264 10.94 -0.48 -15.92
CA ARG A 264 12.12 0.23 -15.40
C ARG A 264 12.30 0.00 -13.90
N MET A 265 11.19 -0.06 -13.15
CA MET A 265 11.26 -0.42 -11.73
C MET A 265 11.84 -1.82 -11.60
N ALA A 266 11.41 -2.73 -12.49
CA ALA A 266 11.87 -4.11 -12.41
C ALA A 266 13.33 -4.24 -12.82
N ASP A 267 13.80 -3.39 -13.75
CA ASP A 267 15.21 -3.39 -14.11
C ASP A 267 16.10 -3.21 -12.88
N LYS A 268 15.64 -2.45 -11.89
CA LYS A 268 16.45 -2.22 -10.69
C LYS A 268 16.53 -3.43 -9.77
N LEU A 269 15.68 -4.44 -9.99
CA LEU A 269 15.72 -5.64 -9.16
C LEU A 269 16.83 -6.60 -9.56
N ARG A 270 17.45 -6.41 -10.72
CA ARG A 270 18.45 -7.35 -11.25
C ARG A 270 19.88 -6.95 -10.87
N ILE B 31 15.72 -4.65 2.10
CA ILE B 31 14.62 -5.42 1.54
C ILE B 31 13.72 -4.54 0.66
N ARG B 32 12.63 -5.11 0.17
CA ARG B 32 11.74 -4.43 -0.79
C ARG B 32 10.33 -4.44 -0.22
N PRO B 33 9.95 -3.39 0.50
CA PRO B 33 8.62 -3.38 1.10
C PRO B 33 7.52 -3.23 0.06
N THR B 34 6.35 -3.78 0.40
CA THR B 34 5.16 -3.55 -0.40
C THR B 34 4.68 -2.10 -0.27
N ILE B 35 4.65 -1.57 0.97
CA ILE B 35 4.26 -0.19 1.26
C ILE B 35 5.42 0.50 1.96
N GLY B 36 5.68 1.75 1.61
CA GLY B 36 6.79 2.51 2.14
C GLY B 36 7.89 2.69 1.10
N GLN B 37 8.78 3.63 1.39
CA GLN B 37 9.83 3.94 0.42
C GLN B 37 10.79 2.77 0.26
N GLN B 38 11.32 2.62 -0.95
CA GLN B 38 12.32 1.60 -1.23
C GLN B 38 13.70 2.09 -0.81
N MET B 39 14.67 1.18 -0.89
CA MET B 39 16.04 1.54 -0.54
CA MET B 39 16.04 1.54 -0.53
C MET B 39 16.70 2.29 -1.69
N GLU B 40 17.62 3.19 -1.34
CA GLU B 40 18.31 4.02 -2.31
C GLU B 40 19.71 4.31 -1.79
N THR B 41 20.54 4.87 -2.66
CA THR B 41 21.88 5.26 -2.23
C THR B 41 21.80 6.18 -1.02
N GLY B 42 22.71 5.98 -0.08
CA GLY B 42 22.66 6.70 1.18
C GLY B 42 21.91 6.02 2.29
N ASP B 43 21.31 4.86 2.03
CA ASP B 43 20.64 4.08 3.06
C ASP B 43 21.60 3.04 3.60
N GLN B 44 21.66 2.90 4.92
CA GLN B 44 22.50 1.91 5.58
C GLN B 44 21.60 0.82 6.12
N ARG B 45 21.84 -0.42 5.70
CA ARG B 45 21.11 -1.52 6.27
C ARG B 45 21.80 -1.97 7.56
N PHE B 46 21.01 -2.17 8.61
CA PHE B 46 21.54 -2.58 9.90
C PHE B 46 20.57 -3.60 10.47
N GLY B 47 20.97 -4.87 10.45
CA GLY B 47 20.05 -5.94 10.78
C GLY B 47 18.85 -5.89 9.87
N ASP B 48 17.67 -5.84 10.47
CA ASP B 48 16.41 -5.78 9.73
C ASP B 48 15.92 -4.38 9.48
N LEU B 49 16.72 -3.37 9.78
CA LEU B 49 16.28 -1.99 9.69
C LEU B 49 17.13 -1.24 8.68
N VAL B 50 16.65 -0.04 8.32
CA VAL B 50 17.36 0.83 7.40
C VAL B 50 17.45 2.21 8.03
N PHE B 51 18.64 2.82 7.94
CA PHE B 51 18.90 4.15 8.48
C PHE B 51 19.37 5.07 7.37
N ARG B 52 18.86 6.30 7.38
CA ARG B 52 19.22 7.32 6.39
C ARG B 52 19.54 8.63 7.10
N GLN B 53 20.73 9.15 6.88
CA GLN B 53 21.06 10.47 7.41
C GLN B 53 20.31 11.55 6.64
N LEU B 54 19.58 12.40 7.35
CA LEU B 54 18.86 13.50 6.73
C LEU B 54 19.54 14.85 6.92
N ALA B 55 20.32 14.99 7.97
CA ALA B 55 21.02 16.22 8.31
C ALA B 55 22.20 15.82 9.17
N PRO B 56 23.13 16.72 9.44
CA PRO B 56 24.31 16.32 10.24
C PRO B 56 23.95 15.64 11.56
N ASN B 57 22.82 16.01 12.17
CA ASN B 57 22.43 15.47 13.47
C ASN B 57 21.06 14.77 13.44
N VAL B 58 20.56 14.40 12.27
CA VAL B 58 19.23 13.79 12.18
C VAL B 58 19.30 12.60 11.25
N TRP B 59 18.77 11.46 11.71
CA TRP B 59 18.66 10.25 10.92
C TRP B 59 17.21 9.76 10.95
N GLN B 60 16.81 9.11 9.88
CA GLN B 60 15.51 8.43 9.83
C GLN B 60 15.74 6.94 10.05
N HIS B 61 14.96 6.36 10.97
CA HIS B 61 14.94 4.93 11.17
C HIS B 61 13.74 4.34 10.45
N THR B 62 13.94 3.17 9.83
CA THR B 62 12.88 2.49 9.09
C THR B 62 12.85 1.03 9.50
N SER B 63 11.66 0.54 9.85
CA SER B 63 11.46 -0.85 10.25
C SER B 63 10.29 -1.40 9.43
N TYR B 64 10.19 -2.73 9.38
CA TYR B 64 9.28 -3.38 8.44
C TYR B 64 8.47 -4.43 9.17
N LEU B 65 7.18 -4.45 8.89
CA LEU B 65 6.30 -5.46 9.43
C LEU B 65 5.68 -6.20 8.26
N ASP B 66 5.93 -7.51 8.19
CA ASP B 66 5.39 -8.30 7.11
C ASP B 66 3.94 -8.63 7.42
N MET B 67 3.05 -8.25 6.52
CA MET B 67 1.63 -8.54 6.69
C MET B 67 1.32 -9.80 5.90
N PRO B 68 0.76 -10.83 6.52
CA PRO B 68 0.51 -12.08 5.80
C PRO B 68 -0.26 -11.84 4.50
N GLY B 69 0.29 -12.36 3.40
CA GLY B 69 -0.33 -12.25 2.11
C GLY B 69 -0.06 -10.96 1.38
N PHE B 70 0.59 -9.99 2.03
CA PHE B 70 0.72 -8.64 1.49
C PHE B 70 2.16 -8.19 1.38
N GLY B 71 3.05 -8.68 2.23
CA GLY B 71 4.43 -8.25 2.22
C GLY B 71 4.69 -7.19 3.27
N ALA B 72 5.87 -6.60 3.19
CA ALA B 72 6.35 -5.74 4.26
C ALA B 72 5.82 -4.32 4.16
N VAL B 73 5.49 -3.73 5.30
CA VAL B 73 5.10 -2.33 5.40
C VAL B 73 6.20 -1.60 6.16
N ALA B 74 6.80 -0.59 5.54
CA ALA B 74 7.82 0.22 6.20
C ALA B 74 7.16 1.28 7.08
N SER B 75 7.81 1.58 8.19
CA SER B 75 7.43 2.68 9.08
C SER B 75 8.69 3.44 9.47
N ASN B 76 8.61 4.77 9.44
CA ASN B 76 9.75 5.64 9.69
C ASN B 76 9.58 6.43 10.99
N GLY B 77 10.70 6.61 11.69
CA GLY B 77 10.81 7.56 12.78
C GLY B 77 12.12 8.32 12.68
N LEU B 78 12.51 9.05 13.74
CA LEU B 78 13.70 9.89 13.69
C LEU B 78 14.61 9.64 14.88
N ILE B 79 15.89 9.93 14.65
CA ILE B 79 16.92 9.96 15.66
C ILE B 79 17.61 11.31 15.55
N VAL B 80 17.74 12.03 16.66
CA VAL B 80 18.32 13.36 16.66
C VAL B 80 19.46 13.41 17.67
N ARG B 81 20.64 13.84 17.24
CA ARG B 81 21.72 14.13 18.19
C ARG B 81 21.62 15.56 18.67
N ASP B 82 21.65 15.75 19.98
CA ASP B 82 21.57 17.07 20.61
C ASP B 82 22.75 17.19 21.57
N GLY B 83 23.92 17.52 21.03
CA GLY B 83 25.11 17.58 21.86
C GLY B 83 25.53 16.19 22.33
N GLY B 84 25.65 15.99 23.64
CA GLY B 84 26.10 14.73 24.18
C GLY B 84 25.01 13.71 24.43
N ARG B 85 23.83 13.87 23.81
CA ARG B 85 22.74 12.92 23.98
C ARG B 85 21.97 12.76 22.68
N VAL B 86 21.14 11.74 22.65
CA VAL B 86 20.33 11.38 21.48
C VAL B 86 18.86 11.39 21.89
N LEU B 87 18.00 11.81 20.96
CA LEU B 87 16.55 11.82 21.19
C LEU B 87 15.91 10.99 20.10
N VAL B 88 14.86 10.26 20.42
CA VAL B 88 14.20 9.38 19.44
C VAL B 88 12.75 9.80 19.27
N VAL B 89 12.28 9.80 18.02
CA VAL B 89 10.86 10.01 17.71
C VAL B 89 10.34 8.70 17.09
N ASP B 90 9.34 8.10 17.75
CA ASP B 90 8.71 6.84 17.39
C ASP B 90 9.53 5.59 17.64
N THR B 91 8.84 4.53 18.07
CA THR B 91 9.48 3.23 18.10
C THR B 91 9.42 2.59 16.71
N ALA B 92 9.98 1.40 16.60
CA ALA B 92 9.70 0.52 15.47
C ALA B 92 8.42 -0.27 15.72
N TRP B 93 8.06 -1.15 14.80
CA TRP B 93 6.84 -1.95 14.97
C TRP B 93 6.92 -2.87 16.18
N THR B 94 8.11 -3.34 16.56
CA THR B 94 8.23 -4.35 17.60
C THR B 94 9.34 -4.00 18.57
N ASP B 95 9.32 -4.68 19.72
CA ASP B 95 10.41 -4.55 20.69
C ASP B 95 11.76 -4.90 20.08
N ASP B 96 11.84 -6.06 19.40
CA ASP B 96 13.14 -6.45 18.86
C ASP B 96 13.68 -5.42 17.88
N GLN B 97 12.81 -4.93 16.98
CA GLN B 97 13.24 -3.90 16.04
C GLN B 97 13.69 -2.65 16.78
N THR B 98 12.99 -2.28 17.85
CA THR B 98 13.35 -1.07 18.58
C THR B 98 14.69 -1.26 19.30
N ALA B 99 14.94 -2.47 19.82
CA ALA B 99 16.25 -2.73 20.41
C ALA B 99 17.34 -2.61 19.37
N GLN B 100 17.04 -2.95 18.11
CA GLN B 100 18.01 -2.80 17.04
C GLN B 100 18.30 -1.32 16.77
N ILE B 101 17.27 -0.46 16.84
CA ILE B 101 17.51 0.98 16.75
C ILE B 101 18.52 1.41 17.82
N LEU B 102 18.30 0.96 19.06
CA LEU B 102 19.20 1.36 20.14
C LEU B 102 20.61 0.83 19.88
N ASN B 103 20.72 -0.37 19.32
CA ASN B 103 22.04 -0.90 18.98
CA ASN B 103 22.04 -0.91 18.98
C ASN B 103 22.71 -0.09 17.89
N TRP B 104 21.95 0.34 16.87
CA TRP B 104 22.53 1.18 15.84
C TRP B 104 23.02 2.48 16.44
N ILE B 105 22.23 3.10 17.31
CA ILE B 105 22.67 4.34 17.97
C ILE B 105 23.98 4.09 18.72
N LYS B 106 24.05 3.00 19.47
CA LYS B 106 25.27 2.65 20.21
C LYS B 106 26.47 2.55 19.28
N GLN B 107 26.30 1.87 18.15
CA GLN B 107 27.42 1.64 17.22
C GLN B 107 27.82 2.92 16.51
N GLU B 108 26.85 3.69 16.02
CA GLU B 108 27.14 4.79 15.10
C GLU B 108 27.27 6.13 15.76
N ILE B 109 26.63 6.34 16.91
CA ILE B 109 26.70 7.60 17.62
C ILE B 109 27.41 7.44 18.98
N ASN B 110 27.13 6.35 19.69
CA ASN B 110 27.79 6.06 20.96
C ASN B 110 27.53 7.14 22.01
N LEU B 111 26.29 7.62 22.07
CA LEU B 111 25.84 8.57 23.09
C LEU B 111 24.54 8.05 23.67
N PRO B 112 24.20 8.47 24.90
CA PRO B 112 22.99 7.95 25.54
C PRO B 112 21.73 8.57 24.98
N VAL B 113 20.68 7.74 24.92
CA VAL B 113 19.36 8.20 24.53
C VAL B 113 18.67 8.79 25.76
N ALA B 114 18.40 10.09 25.71
CA ALA B 114 17.81 10.77 26.86
C ALA B 114 16.31 10.50 26.95
N LEU B 115 15.63 10.46 25.83
CA LEU B 115 14.18 10.36 25.86
C LEU B 115 13.70 9.98 24.48
N ALA B 116 12.47 9.49 24.45
CA ALA B 116 11.77 9.22 23.20
C ALA B 116 10.37 9.79 23.27
N VAL B 117 9.90 10.32 22.16
CA VAL B 117 8.53 10.80 21.99
CA VAL B 117 8.52 10.78 22.01
C VAL B 117 7.86 9.93 20.94
N VAL B 118 6.66 9.45 21.24
CA VAL B 118 5.94 8.60 20.29
C VAL B 118 4.66 9.32 19.87
N THR B 119 4.28 9.18 18.59
CA THR B 119 3.40 10.17 17.99
C THR B 119 1.93 9.78 17.89
N HIS B 120 1.56 8.54 18.22
CA HIS B 120 0.18 8.17 18.57
C HIS B 120 0.15 6.69 18.90
N ALA B 121 -0.99 6.24 19.44
CA ALA B 121 -1.12 4.89 20.01
C ALA B 121 -1.54 3.87 18.94
N HIS B 122 -0.63 3.63 18.00
CA HIS B 122 -0.74 2.53 17.05
C HIS B 122 0.59 1.79 16.99
N GLN B 123 0.56 0.56 16.48
CA GLN B 123 1.74 -0.31 16.56
C GLN B 123 2.95 0.25 15.83
N ASP B 124 2.74 0.89 14.68
CA ASP B 124 3.91 1.40 13.97
C ASP B 124 4.67 2.46 14.74
N LYS B 125 4.01 3.15 15.66
CA LYS B 125 4.66 4.24 16.41
C LYS B 125 4.98 3.89 17.85
N MET B 126 4.26 2.93 18.43
CA MET B 126 4.41 2.57 19.84
C MET B 126 4.63 1.09 20.09
N GLY B 127 4.78 0.28 19.04
CA GLY B 127 4.91 -1.16 19.23
C GLY B 127 6.12 -1.59 20.03
N GLY B 128 7.16 -0.75 20.13
CA GLY B 128 8.40 -1.14 20.79
C GLY B 128 8.68 -0.45 22.11
N MET B 129 7.63 0.02 22.79
CA MET B 129 7.80 0.76 24.04
CA MET B 129 7.80 0.76 24.04
C MET B 129 8.62 -0.03 25.05
N ASP B 130 8.37 -1.35 25.14
CA ASP B 130 9.03 -2.15 26.18
C ASP B 130 10.54 -2.14 26.01
N ALA B 131 11.04 -2.10 24.78
CA ALA B 131 12.48 -2.04 24.57
C ALA B 131 13.05 -0.72 25.08
N LEU B 132 12.34 0.39 24.86
CA LEU B 132 12.81 1.65 25.40
C LEU B 132 12.85 1.60 26.92
N HIS B 133 11.79 1.05 27.53
CA HIS B 133 11.73 0.98 28.98
C HIS B 133 12.83 0.08 29.54
N ALA B 134 13.06 -1.08 28.92
CA ALA B 134 14.12 -1.96 29.40
C ALA B 134 15.48 -1.28 29.34
N ALA B 135 15.67 -0.37 28.38
CA ALA B 135 16.90 0.39 28.25
C ALA B 135 17.01 1.55 29.22
N GLY B 136 15.94 1.85 29.97
CA GLY B 136 15.96 2.98 30.88
C GLY B 136 15.73 4.33 30.25
N ILE B 137 15.12 4.37 29.07
CA ILE B 137 14.88 5.60 28.34
C ILE B 137 13.54 6.18 28.76
N ALA B 138 13.52 7.46 29.10
CA ALA B 138 12.28 8.13 29.48
C ALA B 138 11.39 8.31 28.24
N THR B 139 10.13 7.89 28.35
CA THR B 139 9.23 7.93 27.20
C THR B 139 8.09 8.91 27.43
N TYR B 140 7.70 9.59 26.37
CA TYR B 140 6.70 10.65 26.38
C TYR B 140 5.71 10.42 25.24
N ALA B 141 4.43 10.67 25.51
CA ALA B 141 3.40 10.65 24.48
C ALA B 141 2.31 11.62 24.91
N ASN B 142 1.49 12.03 23.95
CA ASN B 142 0.24 12.72 24.26
C ASN B 142 -0.49 11.98 25.38
N ALA B 143 -0.98 12.72 26.38
CA ALA B 143 -1.79 12.10 27.42
C ALA B 143 -2.87 11.20 26.83
N LEU B 144 -3.54 11.65 25.76
CA LEU B 144 -4.58 10.85 25.13
C LEU B 144 -4.01 9.56 24.54
N SER B 145 -2.79 9.62 23.97
CA SER B 145 -2.17 8.38 23.47
C SER B 145 -1.96 7.41 24.61
N ASN B 146 -1.52 7.90 25.77
CA ASN B 146 -1.31 7.03 26.92
C ASN B 146 -2.63 6.44 27.41
N GLN B 147 -3.71 7.23 27.34
CA GLN B 147 -5.02 6.73 27.75
C GLN B 147 -5.56 5.70 26.77
N LEU B 148 -5.28 5.88 25.47
CA LEU B 148 -5.74 4.94 24.44
C LEU B 148 -4.87 3.69 24.37
N ALA B 149 -3.60 3.78 24.79
CA ALA B 149 -2.67 2.66 24.57
C ALA B 149 -3.21 1.33 25.07
N PRO B 150 -3.72 1.21 26.30
CA PRO B 150 -4.24 -0.09 26.74
C PRO B 150 -5.34 -0.66 25.84
N GLN B 151 -6.15 0.19 25.23
CA GLN B 151 -7.20 -0.23 24.32
C GLN B 151 -6.66 -0.66 22.96
N GLU B 152 -5.48 -0.18 22.60
CA GLU B 152 -4.86 -0.41 21.30
C GLU B 152 -3.80 -1.50 21.36
N GLY B 153 -3.76 -2.26 22.45
CA GLY B 153 -2.72 -3.26 22.59
C GLY B 153 -1.33 -2.70 22.78
N MET B 154 -1.20 -1.47 23.27
CA MET B 154 0.10 -0.86 23.52
C MET B 154 0.39 -0.64 25.00
N VAL B 155 1.68 -0.41 25.28
CA VAL B 155 2.15 0.01 26.60
C VAL B 155 2.25 1.53 26.58
N ALA B 156 1.65 2.18 27.58
CA ALA B 156 1.71 3.64 27.67
C ALA B 156 3.16 4.12 27.87
N ALA B 157 3.44 5.31 27.32
CA ALA B 157 4.66 6.02 27.72
C ALA B 157 4.60 6.32 29.21
N GLN B 158 5.77 6.61 29.77
CA GLN B 158 5.87 6.83 31.20
C GLN B 158 5.53 8.26 31.59
N HIS B 159 5.46 9.18 30.63
CA HIS B 159 5.14 10.58 30.87
C HIS B 159 4.14 11.03 29.83
N SER B 160 3.28 11.98 30.22
CA SER B 160 2.24 12.51 29.36
C SER B 160 2.51 13.96 28.96
N LEU B 161 2.35 14.24 27.67
CA LEU B 161 2.39 15.59 27.13
C LEU B 161 0.98 16.12 27.09
N THR B 162 0.83 17.41 27.42
CA THR B 162 -0.46 18.05 27.24
C THR B 162 -0.26 19.27 26.34
N PHE B 163 -1.37 19.76 25.81
CA PHE B 163 -1.35 20.74 24.74
C PHE B 163 -2.28 21.90 25.03
N ALA B 164 -1.86 23.07 24.56
CA ALA B 164 -2.70 24.26 24.59
C ALA B 164 -3.81 24.19 23.53
N ALA B 165 -4.73 25.15 23.63
CA ALA B 165 -5.85 25.21 22.70
C ALA B 165 -5.42 25.51 21.28
N ASN B 166 -4.20 26.01 21.07
CA ASN B 166 -3.67 26.22 19.73
C ASN B 166 -2.73 25.11 19.27
N GLY B 167 -2.60 24.04 20.05
CA GLY B 167 -1.84 22.88 19.65
C GLY B 167 -0.42 22.81 20.18
N TRP B 168 0.15 23.91 20.69
CA TRP B 168 1.53 23.83 21.16
C TRP B 168 1.62 23.06 22.49
N VAL B 169 2.66 22.25 22.63
CA VAL B 169 2.84 21.48 23.86
C VAL B 169 3.02 22.43 25.05
N GLU B 170 2.48 22.04 26.20
CA GLU B 170 2.75 22.76 27.44
C GLU B 170 4.19 22.51 27.84
N PRO B 171 5.04 23.55 27.90
CA PRO B 171 6.49 23.32 28.07
C PRO B 171 6.83 22.54 29.32
N ALA B 172 6.11 22.72 30.42
CA ALA B 172 6.48 21.98 31.62
C ALA B 172 6.27 20.47 31.47
N THR B 173 5.45 20.03 30.51
CA THR B 173 5.26 18.61 30.28
C THR B 173 6.31 18.03 29.34
N ALA B 174 7.14 18.87 28.72
CA ALA B 174 8.16 18.44 27.77
C ALA B 174 9.53 18.96 28.24
N PRO B 175 9.97 18.55 29.42
CA PRO B 175 11.19 19.13 30.00
C PRO B 175 12.43 18.67 29.25
N ASN B 176 13.31 19.62 28.96
CA ASN B 176 14.62 19.31 28.39
C ASN B 176 14.49 18.57 27.05
N PHE B 177 13.55 19.01 26.23
CA PHE B 177 13.31 18.38 24.92
C PHE B 177 14.29 18.87 23.86
N GLY B 178 15.21 19.77 24.20
CA GLY B 178 16.17 20.24 23.23
C GLY B 178 15.49 20.77 21.99
N PRO B 179 15.88 20.27 20.82
CA PRO B 179 15.32 20.81 19.57
C PRO B 179 13.95 20.24 19.20
N LEU B 180 13.40 19.31 19.96
CA LEU B 180 12.11 18.72 19.60
C LEU B 180 11.00 19.69 19.99
N LYS B 181 10.26 20.18 19.00
CA LYS B 181 9.18 21.15 19.22
C LYS B 181 7.88 20.40 18.89
N VAL B 182 7.16 19.98 19.94
CA VAL B 182 6.02 19.08 19.77
C VAL B 182 4.76 19.90 19.56
N PHE B 183 3.95 19.50 18.58
CA PHE B 183 2.75 20.23 18.21
C PHE B 183 1.61 19.25 17.96
N TYR B 184 0.47 19.50 18.59
CA TYR B 184 -0.72 18.70 18.36
C TYR B 184 -1.59 19.44 17.35
N PRO B 185 -1.75 18.94 16.11
CA PRO B 185 -2.40 19.74 15.08
C PRO B 185 -3.91 19.63 15.06
N GLY B 186 -4.50 18.77 15.87
CA GLY B 186 -5.91 18.48 15.82
C GLY B 186 -6.11 17.06 15.33
N PRO B 187 -7.33 16.55 15.46
CA PRO B 187 -7.60 15.16 15.04
C PRO B 187 -7.48 15.02 13.53
N GLY B 188 -6.91 13.90 13.11
CA GLY B 188 -6.78 13.66 11.69
C GLY B 188 -6.68 12.17 11.42
N HIS B 189 -5.45 11.67 11.27
CA HIS B 189 -5.27 10.23 11.16
C HIS B 189 -5.85 9.51 12.39
N THR B 190 -5.60 10.06 13.59
CA THR B 190 -6.27 9.65 14.82
C THR B 190 -6.58 10.90 15.61
N SER B 191 -7.30 10.73 16.71
CA SER B 191 -7.57 11.91 17.54
C SER B 191 -6.35 12.32 18.36
N ASP B 192 -5.38 11.41 18.54
CA ASP B 192 -4.24 11.67 19.41
C ASP B 192 -2.96 12.02 18.67
N ASN B 193 -2.97 12.02 17.33
CA ASN B 193 -1.74 12.19 16.56
C ASN B 193 -1.03 13.51 16.88
N ILE B 194 0.29 13.42 17.13
CA ILE B 194 1.10 14.60 17.34
C ILE B 194 2.21 14.64 16.29
N THR B 195 2.86 15.80 16.21
CA THR B 195 3.89 16.06 15.21
C THR B 195 5.06 16.73 15.91
N VAL B 196 6.21 16.75 15.23
CA VAL B 196 7.43 17.23 15.90
C VAL B 196 8.27 18.01 14.90
N GLY B 197 8.52 19.28 15.18
CA GLY B 197 9.51 20.04 14.42
C GLY B 197 10.88 19.85 15.05
N ILE B 198 11.93 19.90 14.23
CA ILE B 198 13.29 19.77 14.76
C ILE B 198 13.94 21.14 14.65
N ASP B 199 14.00 21.85 15.77
CA ASP B 199 14.60 23.18 15.78
C ASP B 199 16.06 23.11 15.36
N GLY B 200 16.54 24.18 14.73
CA GLY B 200 17.90 24.20 14.23
C GLY B 200 18.09 23.42 12.95
N THR B 201 17.00 22.97 12.33
CA THR B 201 17.03 22.27 11.06
C THR B 201 15.83 22.72 10.26
N ASP B 202 15.77 22.30 9.00
CA ASP B 202 14.59 22.55 8.19
C ASP B 202 13.67 21.34 8.10
N ILE B 203 13.66 20.49 9.12
CA ILE B 203 12.92 19.24 9.14
C ILE B 203 11.72 19.35 10.08
N ALA B 204 10.60 18.82 9.64
CA ALA B 204 9.44 18.59 10.51
C ALA B 204 8.87 17.22 10.22
N PHE B 205 8.39 16.56 11.27
CA PHE B 205 7.90 15.18 11.23
C PHE B 205 6.39 15.16 11.41
N GLY B 206 5.68 14.66 10.39
CA GLY B 206 4.24 14.56 10.42
C GLY B 206 3.69 13.21 10.83
N GLY B 207 4.54 12.20 11.01
CA GLY B 207 4.05 10.87 11.38
C GLY B 207 3.08 10.34 10.36
N CYS B 208 2.02 9.68 10.84
CA CYS B 208 1.04 9.09 9.93
C CYS B 208 -0.02 10.10 9.47
N LEU B 209 -0.02 11.31 10.01
CA LEU B 209 -0.98 12.31 9.56
C LEU B 209 -0.72 12.71 8.11
N ILE B 210 0.54 12.80 7.72
CA ILE B 210 0.94 13.37 6.45
C ILE B 210 1.33 12.24 5.52
N LYS B 211 0.81 12.26 4.30
CA LYS B 211 1.17 11.34 3.23
C LYS B 211 1.96 12.10 2.17
N ASP B 212 2.69 11.36 1.33
CA ASP B 212 3.58 12.08 0.42
C ASP B 212 2.79 12.75 -0.72
N SER B 213 3.51 13.61 -1.44
CA SER B 213 2.89 14.46 -2.45
C SER B 213 2.32 13.67 -3.62
N LYS B 214 2.73 12.41 -3.79
CA LYS B 214 2.23 11.57 -4.87
C LYS B 214 1.24 10.53 -4.39
N ALA B 215 0.85 10.56 -3.10
CA ALA B 215 0.01 9.52 -2.55
C ALA B 215 -1.37 9.52 -3.20
N LYS B 216 -1.93 8.33 -3.36
CA LYS B 216 -3.30 8.21 -3.86
C LYS B 216 -4.34 8.15 -2.76
N SER B 217 -3.94 7.88 -1.52
CA SER B 217 -4.92 7.81 -0.46
C SER B 217 -4.31 8.32 0.83
N LEU B 218 -5.17 8.49 1.82
CA LEU B 218 -4.77 8.90 3.15
C LEU B 218 -4.44 7.72 4.06
N GLY B 219 -4.32 6.51 3.52
CA GLY B 219 -3.96 5.38 4.35
C GLY B 219 -5.14 4.88 5.15
N ASN B 220 -4.86 4.38 6.37
CA ASN B 220 -5.91 3.80 7.20
C ASN B 220 -6.71 4.94 7.83
N LEU B 221 -7.98 5.08 7.42
CA LEU B 221 -8.89 6.06 7.98
C LEU B 221 -9.82 5.46 9.03
N GLY B 222 -9.56 4.22 9.45
CA GLY B 222 -10.47 3.57 10.39
C GLY B 222 -10.65 4.31 11.70
N ASP B 223 -9.59 4.96 12.20
CA ASP B 223 -9.64 5.72 13.45
C ASP B 223 -9.63 7.24 13.20
N ALA B 224 -9.84 7.66 11.96
CA ALA B 224 -9.61 9.04 11.54
C ALA B 224 -10.82 9.94 11.81
N ASP B 225 -10.53 11.23 11.91
CA ASP B 225 -11.54 12.28 12.02
C ASP B 225 -11.63 12.92 10.64
N THR B 226 -12.60 12.45 9.83
CA THR B 226 -12.64 12.91 8.46
C THR B 226 -13.10 14.36 8.36
N GLU B 227 -13.87 14.83 9.35
CA GLU B 227 -14.29 16.22 9.33
C GLU B 227 -13.13 17.17 9.55
N HIS B 228 -12.24 16.87 10.49
CA HIS B 228 -11.23 17.83 10.91
C HIS B 228 -9.86 17.58 10.25
N TYR B 229 -9.72 16.50 9.48
CA TYR B 229 -8.42 16.10 8.94
C TYR B 229 -7.76 17.24 8.17
N ALA B 230 -8.48 17.86 7.24
CA ALA B 230 -7.84 18.86 6.38
C ALA B 230 -7.29 20.00 7.22
N ALA B 231 -8.10 20.51 8.15
CA ALA B 231 -7.62 21.60 9.00
C ALA B 231 -6.41 21.18 9.82
N SER B 232 -6.40 19.94 10.32
CA SER B 232 -5.27 19.48 11.11
C SER B 232 -4.01 19.39 10.27
N ALA B 233 -4.11 18.88 9.04
CA ALA B 233 -2.94 18.83 8.18
C ALA B 233 -2.41 20.24 7.91
N ARG B 234 -3.32 21.18 7.62
CA ARG B 234 -2.88 22.56 7.37
C ARG B 234 -2.32 23.21 8.62
N ALA B 235 -2.87 22.88 9.80
CA ALA B 235 -2.33 23.41 11.05
C ALA B 235 -0.88 22.95 11.27
N PHE B 236 -0.56 21.70 10.92
CA PHE B 236 0.82 21.23 10.99
C PHE B 236 1.73 22.08 10.10
N GLY B 237 1.31 22.34 8.85
CA GLY B 237 2.10 23.18 7.98
C GLY B 237 2.32 24.57 8.54
N ALA B 238 1.27 25.16 9.12
CA ALA B 238 1.37 26.51 9.67
C ALA B 238 2.19 26.54 10.95
N ALA B 239 2.28 25.42 11.67
CA ALA B 239 3.07 25.40 12.90
C ALA B 239 4.57 25.45 12.60
N PHE B 240 4.97 24.88 11.47
CA PHE B 240 6.37 24.78 11.06
C PHE B 240 6.49 25.36 9.64
N PRO B 241 6.28 26.68 9.50
CA PRO B 241 6.12 27.26 8.15
C PRO B 241 7.38 27.28 7.31
N LYS B 242 8.55 27.17 7.93
CA LYS B 242 9.81 27.20 7.22
C LYS B 242 10.45 25.83 7.09
N ALA B 243 9.78 24.79 7.53
CA ALA B 243 10.32 23.44 7.35
C ALA B 243 10.18 23.05 5.88
N SER B 244 11.29 22.76 5.25
CA SER B 244 11.27 22.39 3.84
C SER B 244 11.37 20.88 3.61
N MET B 245 11.78 20.11 4.62
CA MET B 245 11.88 18.67 4.51
C MET B 245 10.86 18.07 5.45
N ILE B 246 9.84 17.43 4.88
CA ILE B 246 8.73 16.87 5.66
C ILE B 246 8.93 15.36 5.72
N VAL B 247 9.12 14.86 6.93
CA VAL B 247 9.32 13.44 7.17
C VAL B 247 8.01 12.83 7.62
N MET B 248 7.74 11.61 7.19
CA MET B 248 6.47 11.00 7.44
C MET B 248 6.65 9.49 7.63
N SER B 249 5.59 8.82 8.08
CA SER B 249 5.75 7.44 8.53
C SER B 249 5.99 6.46 7.39
N HIS B 250 5.38 6.65 6.22
CA HIS B 250 5.35 5.57 5.23
C HIS B 250 5.86 5.95 3.85
N SER B 251 6.61 7.04 3.76
CA SER B 251 7.18 7.47 2.50
CA SER B 251 7.20 7.43 2.50
C SER B 251 8.50 8.15 2.81
N ALA B 252 9.33 8.32 1.77
CA ALA B 252 10.58 9.03 1.91
C ALA B 252 10.33 10.50 2.23
N PRO B 253 11.29 11.18 2.84
CA PRO B 253 11.12 12.61 3.12
C PRO B 253 10.77 13.35 1.84
N ASP B 254 9.90 14.34 1.97
CA ASP B 254 9.31 15.01 0.82
C ASP B 254 9.35 16.51 1.05
N SER B 255 8.90 17.25 0.04
CA SER B 255 8.73 18.69 0.15
C SER B 255 7.44 19.02 0.89
N ARG B 256 7.19 20.32 1.06
CA ARG B 256 5.94 20.76 1.66
C ARG B 256 4.71 20.38 0.82
N ALA B 257 4.90 19.94 -0.43
CA ALA B 257 3.76 19.46 -1.19
C ALA B 257 3.12 18.24 -0.54
N ALA B 258 3.87 17.52 0.31
CA ALA B 258 3.24 16.44 1.08
C ALA B 258 2.12 17.01 1.96
N ILE B 259 2.36 18.16 2.58
CA ILE B 259 1.34 18.76 3.45
C ILE B 259 0.17 19.23 2.61
N THR B 260 0.44 19.96 1.54
CA THR B 260 -0.66 20.55 0.78
C THR B 260 -1.46 19.48 0.06
N HIS B 261 -0.78 18.42 -0.41
CA HIS B 261 -1.50 17.33 -1.08
C HIS B 261 -2.33 16.55 -0.08
N THR B 262 -1.78 16.26 1.10
CA THR B 262 -2.56 15.61 2.15
C THR B 262 -3.82 16.41 2.46
N ALA B 263 -3.67 17.72 2.63
CA ALA B 263 -4.84 18.56 2.93
C ALA B 263 -5.85 18.54 1.79
N ARG B 264 -5.38 18.55 0.54
CA ARG B 264 -6.28 18.50 -0.61
C ARG B 264 -7.08 17.20 -0.65
N MET B 265 -6.41 16.07 -0.37
CA MET B 265 -7.13 14.80 -0.27
C MET B 265 -8.14 14.83 0.87
N ALA B 266 -7.75 15.41 2.01
CA ALA B 266 -8.64 15.48 3.16
C ALA B 266 -9.83 16.39 2.91
N ASP B 267 -9.69 17.43 2.07
CA ASP B 267 -10.82 18.28 1.72
C ASP B 267 -11.97 17.46 1.16
N LYS B 268 -11.66 16.35 0.50
CA LYS B 268 -12.65 15.49 -0.15
C LYS B 268 -13.44 14.62 0.82
N LEU B 269 -12.95 14.45 2.04
CA LEU B 269 -13.62 13.64 3.04
C LEU B 269 -14.78 14.37 3.71
N ARG B 270 -14.89 15.68 3.53
CA ARG B 270 -15.87 16.47 4.26
C ARG B 270 -17.21 16.53 3.53
ZN ZN C . -0.53 -12.05 -6.70
ZN ZN D . -2.59 -8.03 -6.59
C1 PNK E . -1.69 -10.73 -3.40
C2 PNK E . -0.21 -11.06 -3.60
C3 PNK E . -5.11 -11.59 1.42
C4 PNK E . -2.01 -9.20 -3.59
C5 PNK E . -0.38 -7.71 -4.51
C6 PNK E . -0.85 -6.84 -3.33
C7 PNK E . -5.61 -10.68 2.33
C8 PNK E . -5.16 -9.38 2.33
C9 PNK E . 0.08 -6.97 -5.74
C10 PNK E . -4.18 -9.00 1.43
C11 PNK E . -3.67 -9.91 0.53
C12 PNK E . 0.27 -6.07 -2.64
N1 PNK E . -1.48 -8.62 -4.82
O1 PNK E . -0.67 -7.00 -6.74
O2 PNK E . 1.22 -6.46 -5.71
O3 PNK E . 0.27 -10.78 -4.70
O4 PNK E . 0.40 -11.62 -2.67
O5 PNK E . -4.19 -11.75 -2.73
C16 PNK E . -4.13 -11.22 0.51
C15 PNK E . -3.56 -12.23 -0.45
C14 PNK E . -3.33 -11.68 -1.85
N2 PNK E . -2.13 -11.15 -2.07
S1 PNK E . -1.44 -8.16 -2.19
C13 PNK E . -2.02 -5.90 -3.67
H1 PNK E . -2.21 -11.25 -4.21
H3 PNK E . -5.48 -12.62 1.42
H4 PNK E . -3.08 -9.05 -3.49
H5 PNK E . 0.49 -8.27 -4.18
H7 PNK E . -6.38 -10.99 3.04
H8 PNK E . -5.56 -8.66 3.05
H10 PNK E . -3.82 -7.97 1.43
H11 PNK E . -2.91 -9.60 -0.17
H12 PNK E . 1.05 -5.81 -3.35
H12A PNK E . -0.10 -5.14 -2.21
H12B PNK E . 0.71 -6.66 -1.84
HN1 PNK E . -1.32 -9.26 -5.58
H15 PNK E . -4.21 -13.10 -0.58
H15A PNK E . -2.60 -12.63 -0.13
HN2 PNK E . -1.50 -11.02 -1.28
H13 PNK E . -2.33 -5.29 -2.82
H13A PNK E . -2.90 -6.44 -4.00
H13B PNK E . -1.77 -5.20 -4.47
K K F . 2.79 -17.97 -2.24
ZN ZN G . -1.97 5.11 13.14
ZN ZN H . 1.15 4.59 9.93
C1 PNK I . -1.49 1.67 11.54
C2 PNK I . -2.88 2.34 11.53
C3 PNK I . -0.42 -2.45 10.42
C4 PNK I . -0.65 1.92 10.25
C5 PNK I . -1.37 3.46 8.60
C6 PNK I . -1.04 2.29 7.66
C7 PNK I . 0.16 -3.31 9.49
C8 PNK I . 0.61 -4.55 9.88
C9 PNK I . -1.15 4.83 8.00
C10 PNK I . 0.49 -4.94 11.19
C11 PNK I . -0.07 -4.08 12.13
C12 PNK I . -2.06 2.14 6.54
N1 PNK I . -0.58 3.29 9.82
O1 PNK I . -2.03 5.25 7.23
O2 PNK I . -0.14 5.46 8.38
O3 PNK I . -3.86 1.61 11.72
O4 PNK I . -2.91 3.58 11.38
O5 PNK I . 0.10 0.09 13.17
C16 PNK I . -0.54 -2.82 11.75
C15 PNK I . -1.17 -1.90 12.77
C14 PNK I . -0.83 -0.44 12.57
N2 PNK I . -1.62 0.24 11.74
S1 PNK I . -1.23 0.89 8.84
C13 PNK I . 0.38 2.32 7.11
H1 PNK I . -0.97 2.21 12.33
H3 PNK I . -0.78 -1.47 10.10
H4 PNK I . 0.34 1.48 10.39
H5 PNK I . -2.42 3.42 8.86
H7 PNK I . 0.25 -3.00 8.45
H8 PNK I . 1.07 -5.22 9.15
H10 PNK I . 0.84 -5.92 11.51
H11 PNK I . -0.14 -4.39 13.16
H12 PNK I . -2.11 3.05 5.93
H12A PNK I . -1.79 1.32 5.87
H12B PNK I . -3.05 1.94 6.93
HN1 PNK I . -0.70 4.00 10.53
H15 PNK I . -0.88 -2.15 13.79
H15A PNK I . -2.26 -1.96 12.75
HN2 PNK I . -2.35 -0.27 11.24
H13 PNK I . 0.59 1.51 6.42
H13A PNK I . 1.14 2.24 7.90
H13B PNK I . 0.60 3.24 6.57
#